data_7BLA
#
_entry.id   7BLA
#
_cell.length_a   35.645
_cell.length_b   50.942
_cell.length_c   67.733
_cell.angle_alpha   90.000
_cell.angle_beta   90.000
_cell.angle_gamma   90.000
#
_symmetry.space_group_name_H-M   'P 21 21 21'
#
loop_
_entity.id
_entity.type
_entity.pdbx_description
1 polymer 'Bromodomain adjacent to zinc finger domain protein 2A'
2 non-polymer 6-{4-[3-(dimethylamino)propoxy]phenyl}-2-(methylsulfonyl)-N-[3-(1H-pyrazol-1-yl)propyl]pyrimidin-4-amine
3 water water
#
_entity_poly.entity_id   1
_entity_poly.type   'polypeptide(L)'
_entity_poly.pdbx_seq_one_letter_code
;SMHSDLTFCEIILMEMESHDAAWPFLEPVNPRLVSGYRRIIKNPMDFSTMRHRLSRGGYTSSEEFAADALLVFDNCQTFN
EDDSEVGKAGHIMRRFFESRWEEFY
;
_entity_poly.pdbx_strand_id   A
#
loop_
_chem_comp.id
_chem_comp.type
_chem_comp.name
_chem_comp.formula
WCS non-polymer 6-{4-[3-(dimethylamino)propoxy]phenyl}-2-(methylsulfonyl)-N-[3-(1H-pyrazol-1-yl)propyl]pyrimidin-4-amine 'C22 H30 N6 O3 S'
#
# COMPACT_ATOMS: atom_id res chain seq x y z
N SER A 4 -15.51 -8.63 -10.62
CA SER A 4 -15.53 -9.56 -9.48
CA SER A 4 -15.53 -9.55 -9.48
C SER A 4 -14.19 -9.59 -8.76
N ASP A 5 -13.09 -9.40 -9.49
CA ASP A 5 -11.80 -9.38 -8.82
C ASP A 5 -11.57 -8.09 -8.05
N LEU A 6 -12.19 -6.98 -8.49
CA LEU A 6 -11.98 -5.70 -7.83
CA LEU A 6 -11.99 -5.69 -7.84
C LEU A 6 -12.59 -5.66 -6.43
N THR A 7 -13.66 -6.42 -6.19
CA THR A 7 -14.27 -6.41 -4.87
CA THR A 7 -14.26 -6.39 -4.85
C THR A 7 -13.30 -6.91 -3.79
N PHE A 8 -12.39 -7.81 -4.16
CA PHE A 8 -11.47 -8.30 -3.14
C PHE A 8 -10.44 -7.25 -2.77
N CYS A 9 -10.19 -6.28 -3.63
CA CYS A 9 -9.21 -5.24 -3.31
C CYS A 9 -9.64 -4.42 -2.11
N GLU A 10 -10.93 -4.11 -2.01
CA GLU A 10 -11.42 -3.36 -0.85
CA GLU A 10 -11.38 -3.35 -0.85
C GLU A 10 -11.18 -4.14 0.44
N ILE A 11 -11.41 -5.46 0.39
CA ILE A 11 -11.23 -6.29 1.57
C ILE A 11 -9.77 -6.28 2.01
N ILE A 12 -8.87 -6.48 1.04
CA ILE A 12 -7.44 -6.49 1.34
C ILE A 12 -7.00 -5.11 1.84
N LEU A 13 -7.50 -4.04 1.21
CA LEU A 13 -7.16 -2.70 1.67
C LEU A 13 -7.55 -2.49 3.13
N MET A 14 -8.77 -2.90 3.49
CA MET A 14 -9.20 -2.74 4.87
CA MET A 14 -9.24 -2.77 4.88
C MET A 14 -8.34 -3.55 5.82
N GLU A 15 -7.95 -4.77 5.43
CA GLU A 15 -7.06 -5.57 6.27
C GLU A 15 -5.72 -4.85 6.46
N MET A 16 -5.18 -4.27 5.39
CA MET A 16 -3.91 -3.55 5.53
C MET A 16 -4.08 -2.32 6.40
N GLU A 17 -5.18 -1.59 6.22
CA GLU A 17 -5.43 -0.38 7.02
C GLU A 17 -5.48 -0.71 8.51
N SER A 18 -5.91 -1.92 8.86
CA SER A 18 -6.10 -2.37 10.22
CA SER A 18 -6.07 -2.28 10.26
C SER A 18 -4.88 -3.06 10.82
N HIS A 19 -3.82 -3.25 10.04
CA HIS A 19 -2.68 -4.05 10.48
C HIS A 19 -1.79 -3.23 11.42
N ASP A 20 -1.23 -3.89 12.43
CA ASP A 20 -0.36 -3.20 13.39
C ASP A 20 0.83 -2.53 12.71
N ALA A 21 1.37 -3.10 11.64
CA ALA A 21 2.56 -2.58 10.98
C ALA A 21 2.24 -1.54 9.91
N ALA A 22 0.98 -1.13 9.78
CA ALA A 22 0.59 -0.25 8.69
C ALA A 22 0.75 1.22 9.00
N TRP A 23 1.11 1.58 10.23
CA TRP A 23 1.10 2.98 10.63
C TRP A 23 1.88 3.90 9.69
N PRO A 24 3.01 3.51 9.06
CA PRO A 24 3.70 4.47 8.17
C PRO A 24 2.95 4.77 6.89
N PHE A 25 1.97 3.95 6.52
CA PHE A 25 1.43 3.91 5.16
C PHE A 25 -0.01 4.39 5.08
N LEU A 26 -0.61 4.77 6.20
CA LEU A 26 -2.04 5.05 6.22
C LEU A 26 -2.40 6.30 5.44
N GLU A 27 -1.52 7.31 5.44
CA GLU A 27 -1.78 8.62 4.87
C GLU A 27 -0.55 9.04 4.10
N PRO A 28 -0.65 10.02 3.21
CA PRO A 28 0.56 10.47 2.50
C PRO A 28 1.64 10.88 3.48
N VAL A 29 2.89 10.63 3.09
CA VAL A 29 4.00 11.13 3.91
C VAL A 29 3.87 12.62 4.09
N ASN A 30 4.12 13.08 5.30
CA ASN A 30 4.05 14.49 5.65
C ASN A 30 5.44 15.08 5.52
N PRO A 31 5.67 15.99 4.57
CA PRO A 31 7.04 16.49 4.38
C PRO A 31 7.54 17.33 5.54
N ARG A 32 6.66 17.80 6.43
CA ARG A 32 7.10 18.45 7.66
CA ARG A 32 7.11 18.45 7.66
C ARG A 32 7.72 17.47 8.64
N LEU A 33 7.37 16.19 8.55
CA LEU A 33 7.93 15.18 9.43
C LEU A 33 9.11 14.45 8.82
N VAL A 34 9.11 14.25 7.51
CA VAL A 34 10.09 13.41 6.82
C VAL A 34 10.86 14.31 5.86
N SER A 35 11.99 14.83 6.31
CA SER A 35 12.68 15.88 5.58
C SER A 35 13.20 15.37 4.24
N GLY A 36 12.93 16.12 3.17
CA GLY A 36 13.47 15.82 1.86
C GLY A 36 12.93 14.57 1.21
N TYR A 37 11.78 14.09 1.65
CA TYR A 37 11.20 12.84 1.12
C TYR A 37 11.16 12.82 -0.42
N ARG A 38 10.70 13.90 -1.03
CA ARG A 38 10.51 13.91 -2.47
C ARG A 38 11.82 14.10 -3.25
N ARG A 39 12.93 14.41 -2.60
CA ARG A 39 14.21 14.35 -3.31
C ARG A 39 14.47 12.94 -3.82
N ILE A 40 14.08 11.94 -3.03
CA ILE A 40 14.35 10.54 -3.31
C ILE A 40 13.14 9.83 -3.92
N ILE A 41 11.94 10.07 -3.38
CA ILE A 41 10.70 9.37 -3.75
C ILE A 41 9.93 10.25 -4.72
N LYS A 42 9.95 9.85 -5.99
CA LYS A 42 9.35 10.64 -7.04
C LYS A 42 7.88 10.29 -7.28
N ASN A 43 7.42 9.13 -6.83
CA ASN A 43 6.03 8.71 -7.03
CA ASN A 43 6.03 8.72 -7.04
C ASN A 43 5.45 8.20 -5.72
N PRO A 44 5.15 9.10 -4.78
CA PRO A 44 4.62 8.65 -3.50
C PRO A 44 3.29 7.93 -3.65
N MET A 45 3.02 7.04 -2.71
CA MET A 45 1.74 6.35 -2.65
C MET A 45 1.45 5.99 -1.21
N ASP A 46 0.17 5.84 -0.89
CA ASP A 46 -0.28 5.56 0.48
C ASP A 46 -1.68 4.96 0.40
N PHE A 47 -2.13 4.39 1.52
CA PHE A 47 -3.41 3.69 1.54
C PHE A 47 -4.61 4.63 1.43
N SER A 48 -4.49 5.89 1.88
CA SER A 48 -5.60 6.83 1.70
C SER A 48 -5.81 7.17 0.23
N THR A 49 -4.71 7.45 -0.48
CA THR A 49 -4.80 7.68 -1.92
C THR A 49 -5.38 6.46 -2.62
N MET A 50 -4.96 5.25 -2.23
CA MET A 50 -5.52 4.04 -2.84
C MET A 50 -7.01 3.93 -2.57
N ARG A 51 -7.45 4.20 -1.35
CA ARG A 51 -8.88 4.16 -1.05
C ARG A 51 -9.66 5.16 -1.90
N HIS A 52 -9.13 6.38 -2.03
CA HIS A 52 -9.76 7.41 -2.83
C HIS A 52 -9.98 6.93 -4.26
N ARG A 53 -8.95 6.32 -4.84
CA ARG A 53 -9.05 5.88 -6.21
CA ARG A 53 -9.00 5.84 -6.22
C ARG A 53 -9.94 4.65 -6.36
N LEU A 54 -9.85 3.70 -5.43
CA LEU A 54 -10.66 2.49 -5.51
C LEU A 54 -12.14 2.82 -5.43
N SER A 55 -12.50 3.76 -4.56
CA SER A 55 -13.89 4.14 -4.36
CA SER A 55 -13.92 4.07 -4.39
C SER A 55 -14.48 4.87 -5.55
N ARG A 56 -13.64 5.35 -6.48
CA ARG A 56 -14.07 6.13 -7.64
C ARG A 56 -13.79 5.42 -8.96
N GLY A 57 -13.67 4.09 -8.93
CA GLY A 57 -13.39 3.35 -10.15
C GLY A 57 -12.09 3.74 -10.81
N GLY A 58 -11.12 4.24 -10.03
CA GLY A 58 -9.83 4.60 -10.56
C GLY A 58 -8.92 3.43 -10.88
N TYR A 59 -9.27 2.22 -10.45
CA TYR A 59 -8.55 1.02 -10.84
C TYR A 59 -9.43 0.24 -11.82
N THR A 60 -8.91 0.01 -13.02
CA THR A 60 -9.66 -0.78 -13.97
C THR A 60 -9.48 -2.28 -13.77
N SER A 61 -8.49 -2.69 -12.97
CA SER A 61 -8.25 -4.09 -12.72
C SER A 61 -7.61 -4.23 -11.35
N SER A 62 -7.72 -5.43 -10.79
CA SER A 62 -7.06 -5.73 -9.53
CA SER A 62 -7.06 -5.72 -9.53
C SER A 62 -5.55 -5.59 -9.66
N GLU A 63 -4.99 -5.92 -10.82
CA GLU A 63 -3.55 -5.77 -11.02
CA GLU A 63 -3.54 -5.77 -10.94
CA GLU A 63 -3.55 -5.76 -11.04
C GLU A 63 -3.11 -4.32 -10.83
N GLU A 64 -3.92 -3.36 -11.28
CA GLU A 64 -3.55 -1.96 -11.11
C GLU A 64 -3.54 -1.57 -9.63
N PHE A 65 -4.49 -2.10 -8.86
CA PHE A 65 -4.49 -1.87 -7.41
C PHE A 65 -3.25 -2.47 -6.77
N ALA A 66 -2.89 -3.70 -7.14
CA ALA A 66 -1.71 -4.34 -6.60
C ALA A 66 -0.45 -3.54 -6.90
N ALA A 67 -0.37 -2.94 -8.09
CA ALA A 67 0.80 -2.15 -8.42
C ALA A 67 0.96 -0.97 -7.48
N ASP A 68 -0.15 -0.33 -7.09
CA ASP A 68 -0.05 0.76 -6.12
C ASP A 68 0.32 0.25 -4.74
N ALA A 69 -0.18 -0.91 -4.33
CA ALA A 69 0.24 -1.47 -3.05
C ALA A 69 1.74 -1.72 -3.04
N LEU A 70 2.26 -2.32 -4.11
CA LEU A 70 3.68 -2.60 -4.15
C LEU A 70 4.51 -1.31 -4.22
N LEU A 71 3.98 -0.27 -4.84
CA LEU A 71 4.66 1.03 -4.84
C LEU A 71 4.81 1.58 -3.43
N VAL A 72 3.79 1.44 -2.59
CA VAL A 72 3.93 1.82 -1.18
C VAL A 72 5.16 1.17 -0.58
N PHE A 73 5.28 -0.14 -0.75
CA PHE A 73 6.36 -0.87 -0.08
C PHE A 73 7.71 -0.64 -0.75
N ASP A 74 7.71 -0.50 -2.08
CA ASP A 74 8.94 -0.21 -2.79
C ASP A 74 9.49 1.16 -2.40
N ASN A 75 8.61 2.16 -2.26
CA ASN A 75 9.09 3.47 -1.82
C ASN A 75 9.69 3.39 -0.42
N CYS A 76 9.07 2.63 0.47
CA CYS A 76 9.58 2.42 1.84
C CYS A 76 11.00 1.83 1.77
N GLN A 77 11.18 0.81 0.95
CA GLN A 77 12.47 0.14 0.84
C GLN A 77 13.52 1.06 0.21
N THR A 78 13.13 1.90 -0.74
CA THR A 78 14.05 2.84 -1.37
C THR A 78 14.51 3.90 -0.40
N PHE A 79 13.62 4.37 0.47
CA PHE A 79 13.93 5.49 1.35
C PHE A 79 14.58 5.07 2.66
N ASN A 80 14.28 3.86 3.16
CA ASN A 80 14.63 3.46 4.52
C ASN A 80 15.50 2.22 4.54
N GLU A 81 16.40 2.15 5.51
CA GLU A 81 17.19 0.95 5.74
C GLU A 81 16.32 -0.21 6.26
N ASP A 82 16.71 -1.43 5.91
CA ASP A 82 15.90 -2.60 6.24
C ASP A 82 15.71 -2.77 7.74
N ASP A 83 16.70 -2.37 8.54
CA ASP A 83 16.64 -2.57 9.98
C ASP A 83 16.08 -1.38 10.74
N SER A 84 15.64 -0.33 10.04
CA SER A 84 14.94 0.77 10.70
C SER A 84 13.53 0.31 11.05
N GLU A 85 12.89 1.02 11.98
CA GLU A 85 11.52 0.64 12.36
CA GLU A 85 11.53 0.63 12.35
C GLU A 85 10.57 0.72 11.17
N VAL A 86 10.66 1.81 10.38
CA VAL A 86 9.77 1.92 9.23
C VAL A 86 10.14 0.90 8.16
N GLY A 87 11.43 0.66 7.95
CA GLY A 87 11.82 -0.34 6.98
C GLY A 87 11.29 -1.72 7.33
N LYS A 88 11.38 -2.08 8.60
CA LYS A 88 10.84 -3.36 9.06
C LYS A 88 9.34 -3.43 8.81
N ALA A 89 8.64 -2.33 9.09
CA ALA A 89 7.20 -2.30 8.86
C ALA A 89 6.85 -2.53 7.38
N GLY A 90 7.61 -1.90 6.47
CA GLY A 90 7.36 -2.11 5.06
C GLY A 90 7.53 -3.56 4.64
N HIS A 91 8.57 -4.22 5.15
CA HIS A 91 8.76 -5.63 4.82
C HIS A 91 7.65 -6.50 5.37
N ILE A 92 7.20 -6.23 6.59
CA ILE A 92 6.08 -6.96 7.17
C ILE A 92 4.83 -6.79 6.31
N MET A 93 4.55 -5.54 5.93
CA MET A 93 3.35 -5.26 5.15
C MET A 93 3.41 -5.86 3.76
N ARG A 94 4.59 -5.83 3.12
CA ARG A 94 4.71 -6.45 1.81
C ARG A 94 4.42 -7.94 1.91
N ARG A 95 5.01 -8.62 2.90
CA ARG A 95 4.77 -10.06 3.06
CA ARG A 95 4.77 -10.05 3.04
C ARG A 95 3.29 -10.33 3.30
N PHE A 96 2.66 -9.52 4.15
CA PHE A 96 1.23 -9.67 4.42
C PHE A 96 0.41 -9.50 3.15
N PHE A 97 0.66 -8.41 2.42
CA PHE A 97 -0.06 -8.15 1.18
C PHE A 97 0.09 -9.31 0.19
N GLU A 98 1.33 -9.74 -0.05
CA GLU A 98 1.55 -10.78 -1.04
C GLU A 98 0.89 -12.09 -0.62
N SER A 99 0.90 -12.39 0.68
CA SER A 99 0.26 -13.61 1.16
CA SER A 99 0.26 -13.62 1.14
C SER A 99 -1.25 -13.55 0.96
N ARG A 100 -1.86 -12.42 1.32
CA ARG A 100 -3.31 -12.29 1.13
C ARG A 100 -3.67 -12.30 -0.35
N TRP A 101 -2.87 -11.63 -1.18
CA TRP A 101 -3.16 -11.62 -2.61
C TRP A 101 -3.21 -13.04 -3.14
N GLU A 102 -2.26 -13.88 -2.74
CA GLU A 102 -2.26 -15.26 -3.21
C GLU A 102 -3.51 -16.00 -2.76
N GLU A 103 -3.94 -15.79 -1.52
CA GLU A 103 -5.12 -16.51 -1.06
CA GLU A 103 -5.13 -16.47 -1.03
C GLU A 103 -6.38 -16.07 -1.79
N PHE A 104 -6.51 -14.77 -2.10
CA PHE A 104 -7.72 -14.30 -2.76
C PHE A 104 -7.77 -14.62 -4.23
N TYR A 105 -6.61 -14.79 -4.88
CA TYR A 105 -6.58 -14.87 -6.32
C TYR A 105 -6.01 -16.19 -6.85
C10 WCS B . 6.54 8.24 8.25
C11 WCS B . 7.57 7.75 7.37
C13 WCS B . 8.18 6.53 5.54
C15 WCS B . 5.96 5.82 3.95
O16 WCS B . 7.97 4.19 4.34
O17 WCS B . 8.39 6.10 2.90
C19 WCS B . 9.86 7.33 6.79
C01 WCS B . 0.88 13.15 13.01
C03 WCS B . 1.63 11.07 12.07
C04 WCS B . 1.46 9.56 12.00
C05 WCS B . 2.26 9.01 10.81
C07 WCS B . 4.52 9.03 10.03
C08 WCS B . 5.82 9.48 10.20
C09 WCS B . 6.81 9.08 9.33
C21 WCS B . 11.83 8.14 8.08
C22 WCS B . 11.82 7.37 9.39
C23 WCS B . 12.29 8.23 10.55
C25 WCS B . 11.30 10.46 10.38
C26 WCS B . 10.20 11.10 10.89
C27 WCS B . 9.51 10.17 11.65
C29 WCS B . 8.93 7.90 7.66
C30 WCS B . 5.23 7.81 8.10
C31 WCS B . 4.22 8.20 8.97
C32 WCS B . 0.52 11.12 14.21
N02 WCS B . 0.59 11.72 12.88
N12 WCS B . 7.21 7.03 6.29
N18 WCS B . 9.47 6.63 5.74
N20 WCS B . 11.25 7.43 6.96
N24 WCS B . 11.27 9.22 10.84
N28 WCS B . 10.17 9.03 11.61
O06 WCS B . 3.59 9.45 10.96
S14 WCS B . 7.69 5.57 4.09
H1 WCS B . 5.66 5.54 3.07
H2 WCS B . 5.50 5.30 4.64
H3 WCS B . 5.75 6.76 4.07
H4 WCS B . 0.08 13.60 13.21
H5 WCS B . 1.50 13.29 13.70
H6 WCS B . 1.23 13.47 12.20
H7 WCS B . 2.46 11.26 12.45
H8 WCS B . 1.59 11.42 11.21
H9 WCS B . 0.55 9.35 11.87
H10 WCS B . 1.77 9.16 12.79
H11 WCS B . 1.91 9.33 10.00
H12 WCS B . 2.24 8.07 10.82
H13 WCS B . 6.03 10.04 10.92
H14 WCS B . 7.69 9.37 9.47
H15 WCS B . 11.37 8.94 8.21
H16 WCS B . 12.73 8.34 7.87
H17 WCS B . 10.94 7.07 9.56
H18 WCS B . 12.39 6.62 9.31
H19 WCS B . 12.43 7.69 11.32
H20 WCS B . 13.09 8.66 10.32
H21 WCS B . 11.96 10.83 9.85
H22 WCS B . 9.96 11.98 10.73
H23 WCS B . 8.71 10.33 12.10
H24 WCS B . 9.22 8.37 8.41
H25 WCS B . 5.02 7.23 7.40
H26 WCS B . 3.35 7.89 8.84
H27 WCS B . 1.38 11.13 14.60
H28 WCS B . -0.07 11.61 14.74
H29 WCS B . 0.22 10.24 14.14
H31 WCS B . 11.77 7.05 6.38
#